data_4ITJ
#
_entry.id   4ITJ
#
_cell.length_a   46.841
_cell.length_b   97.136
_cell.length_c   128.119
_cell.angle_alpha   90.00
_cell.angle_beta   90.00
_cell.angle_gamma   90.00
#
_symmetry.space_group_name_H-M   'P 21 21 21'
#
loop_
_entity.id
_entity.type
_entity.pdbx_description
1 polymer 'Receptor-interacting serine/threonine-protein kinase 1'
2 non-polymer N-[(1S)-1-(2-chloro-6-fluorophenyl)ethyl]-5-cyano-1-methyl-1H-pyrrole-2-carboxamide
3 non-polymer 'IODIDE ION'
4 water water
#
_entity_poly.entity_id   1
_entity_poly.type   'polypeptide(L)'
_entity_poly.pdbx_seq_one_letter_code
;MQPDMSLNVIKMKSSDFLESAELDSGGFGKVSLAFHRTQGLMIMKTVYKGPNCIEHNEALLEEAKMMNRLRHSRVVKLLG
VIIEEGKYSLVMEYMEKGNLMHVLKAEMSTPLSVKGRIILEIIEGMAYLHGKGVIHKDLKPENILVDNDFHIKIADLGLA
SFKMWSKLNNEEHNELREVDGTAKKNGGTLYYMAPEHLNDVNAKPTEKSDVYSFAVVLWAIFANKEPYENAIAEQQLIMA
IKSGNRPDVDDITEYCPREIISLMKLCWEANPEARPTFPGIEEKFRPFYLSQLE
;
_entity_poly.pdbx_strand_id   A,B
#
loop_
_chem_comp.id
_chem_comp.type
_chem_comp.name
_chem_comp.formula
1HX non-polymer N-[(1S)-1-(2-chloro-6-fluorophenyl)ethyl]-5-cyano-1-methyl-1H-pyrrole-2-carboxamide 'C15 H13 Cl F N3 O'
IOD non-polymer 'IODIDE ION' 'I -1'
#
# COMPACT_ATOMS: atom_id res chain seq x y z
N ASN A 8 -20.70 -2.03 7.17
CA ASN A 8 -21.01 -2.97 8.24
C ASN A 8 -20.40 -4.35 8.01
N VAL A 9 -20.21 -5.08 9.11
CA VAL A 9 -19.74 -6.46 9.05
C VAL A 9 -20.85 -7.40 8.59
N ILE A 10 -20.47 -8.42 7.84
CA ILE A 10 -21.36 -9.49 7.43
C ILE A 10 -21.85 -10.27 8.65
N LYS A 11 -23.17 -10.39 8.80
CA LYS A 11 -23.71 -11.22 9.87
C LYS A 11 -23.85 -12.64 9.39
N MET A 12 -23.26 -13.57 10.12
CA MET A 12 -23.31 -14.97 9.73
C MET A 12 -24.04 -15.80 10.77
N LYS A 13 -24.49 -16.98 10.34
CA LYS A 13 -25.23 -17.88 11.21
C LYS A 13 -24.48 -19.20 11.29
N SER A 14 -24.63 -19.90 12.42
CA SER A 14 -23.95 -21.17 12.61
C SER A 14 -24.47 -22.20 11.63
N SER A 15 -25.70 -22.00 11.17
CA SER A 15 -26.35 -22.90 10.21
C SER A 15 -25.97 -22.54 8.78
N ASP A 16 -25.07 -21.58 8.63
CA ASP A 16 -24.51 -21.25 7.32
C ASP A 16 -23.28 -22.09 7.12
N PHE A 17 -22.91 -22.84 8.16
CA PHE A 17 -21.70 -23.63 8.11
C PHE A 17 -21.96 -25.13 8.13
N LEU A 18 -21.01 -25.85 7.52
CA LEU A 18 -21.03 -27.29 7.43
C LEU A 18 -20.00 -27.78 8.43
N GLU A 19 -19.40 -28.93 8.17
CA GLU A 19 -18.38 -29.49 9.07
C GLU A 19 -17.09 -28.68 9.00
N PHE A 28 -6.61 -19.57 20.36
CA PHE A 28 -7.40 -18.70 21.22
C PHE A 28 -8.88 -18.81 20.88
N GLY A 29 -9.67 -19.21 21.88
CA GLY A 29 -11.06 -19.59 21.69
C GLY A 29 -11.10 -20.97 21.10
N LYS A 30 -12.28 -21.43 20.70
CA LYS A 30 -12.39 -22.68 19.95
C LYS A 30 -12.15 -22.36 18.47
N VAL A 31 -10.97 -22.73 17.98
CA VAL A 31 -10.61 -22.44 16.59
C VAL A 31 -10.87 -23.64 15.67
N SER A 32 -11.74 -23.42 14.70
CA SER A 32 -12.21 -24.50 13.85
C SER A 32 -12.12 -24.12 12.38
N LEU A 33 -11.53 -25.00 11.58
CA LEU A 33 -11.64 -24.91 10.14
C LEU A 33 -13.09 -25.24 9.83
N ALA A 34 -13.83 -24.30 9.25
CA ALA A 34 -15.25 -24.52 9.00
C ALA A 34 -15.64 -24.25 7.54
N PHE A 35 -16.40 -25.17 6.94
CA PHE A 35 -16.83 -25.02 5.55
C PHE A 35 -18.18 -24.30 5.47
N HIS A 36 -18.15 -23.04 5.04
CA HIS A 36 -19.37 -22.27 4.81
C HIS A 36 -20.08 -22.86 3.59
N ARG A 37 -21.38 -23.11 3.74
CA ARG A 37 -22.16 -23.84 2.72
C ARG A 37 -22.22 -23.16 1.35
N THR A 38 -21.80 -21.91 1.26
CA THR A 38 -21.85 -21.15 0.02
C THR A 38 -20.46 -20.65 -0.38
N GLN A 39 -19.67 -20.23 0.61
CA GLN A 39 -18.43 -19.52 0.35
C GLN A 39 -17.17 -20.32 0.63
N GLY A 40 -17.35 -21.56 1.09
CA GLY A 40 -16.21 -22.44 1.28
C GLY A 40 -15.48 -22.30 2.61
N LEU A 41 -14.20 -22.70 2.57
CA LEU A 41 -13.41 -22.85 3.78
C LEU A 41 -13.08 -21.52 4.43
N MET A 42 -13.31 -21.45 5.74
CA MET A 42 -12.99 -20.27 6.53
C MET A 42 -12.48 -20.74 7.88
N ILE A 43 -12.00 -19.80 8.69
CA ILE A 43 -11.63 -20.13 10.04
C ILE A 43 -12.58 -19.46 11.02
N MET A 44 -13.24 -20.28 11.83
CA MET A 44 -14.14 -19.74 12.82
C MET A 44 -13.45 -19.79 14.17
N LYS A 45 -13.35 -18.62 14.79
CA LYS A 45 -12.88 -18.51 16.15
C LYS A 45 -14.11 -18.29 17.00
N THR A 46 -14.60 -19.37 17.61
CA THR A 46 -15.73 -19.26 18.53
C THR A 46 -15.16 -18.81 19.87
N VAL A 47 -15.52 -17.60 20.28
CA VAL A 47 -14.90 -17.03 21.46
C VAL A 47 -15.71 -17.34 22.71
N TYR A 48 -16.98 -17.69 22.51
CA TYR A 48 -17.89 -17.91 23.63
C TYR A 48 -18.98 -18.95 23.34
N LYS A 49 -19.22 -19.79 24.34
CA LYS A 49 -20.36 -20.70 24.37
C LYS A 49 -20.75 -20.82 25.83
N GLY A 50 -21.98 -20.42 26.16
CA GLY A 50 -22.42 -20.47 27.54
C GLY A 50 -23.73 -19.75 27.79
N PRO A 51 -23.95 -19.29 29.03
CA PRO A 51 -25.18 -18.59 29.41
C PRO A 51 -25.42 -17.37 28.53
N ASN A 52 -26.69 -17.06 28.28
CA ASN A 52 -27.04 -15.84 27.54
C ASN A 52 -26.40 -14.59 28.14
N CYS A 53 -26.00 -13.68 27.27
CA CYS A 53 -25.35 -12.43 27.69
C CYS A 53 -25.55 -11.36 26.62
N ILE A 54 -26.82 -11.09 26.30
CA ILE A 54 -27.18 -10.18 25.21
C ILE A 54 -26.76 -8.74 25.50
N GLU A 55 -26.57 -8.42 26.77
CA GLU A 55 -26.09 -7.10 27.18
C GLU A 55 -24.81 -6.68 26.43
N HIS A 56 -23.92 -7.65 26.21
CA HIS A 56 -22.67 -7.40 25.49
C HIS A 56 -22.90 -6.98 24.03
N ASN A 57 -23.93 -7.59 23.42
CA ASN A 57 -24.09 -7.62 21.97
C ASN A 57 -23.73 -6.35 21.20
N GLU A 58 -24.47 -5.27 21.44
CA GLU A 58 -24.21 -3.97 20.81
C GLU A 58 -22.70 -3.74 20.68
N ALA A 59 -22.03 -3.68 21.83
CA ALA A 59 -20.60 -3.39 21.87
C ALA A 59 -19.85 -4.28 20.91
N LEU A 60 -20.03 -5.59 21.09
CA LEU A 60 -19.36 -6.58 20.26
C LEU A 60 -19.50 -6.23 18.79
N LEU A 61 -20.75 -6.02 18.38
CA LEU A 61 -21.05 -5.81 16.96
C LEU A 61 -20.24 -4.60 16.53
N GLU A 62 -20.37 -3.54 17.32
CA GLU A 62 -19.71 -2.28 16.99
C GLU A 62 -18.21 -2.53 16.83
N GLU A 63 -17.64 -3.27 17.78
CA GLU A 63 -16.20 -3.50 17.75
C GLU A 63 -15.84 -4.18 16.43
N ALA A 64 -16.63 -5.19 16.07
CA ALA A 64 -16.35 -5.91 14.83
C ALA A 64 -16.30 -4.92 13.66
N LYS A 65 -17.28 -4.03 13.62
CA LYS A 65 -17.36 -3.12 12.49
C LYS A 65 -16.08 -2.30 12.44
N MET A 66 -15.66 -1.85 13.62
CA MET A 66 -14.47 -1.00 13.69
C MET A 66 -13.30 -1.79 13.11
N MET A 67 -13.18 -3.04 13.57
CA MET A 67 -12.00 -3.81 13.21
C MET A 67 -12.11 -4.22 11.75
N ASN A 68 -13.32 -4.19 11.21
CA ASN A 68 -13.50 -4.55 9.80
C ASN A 68 -13.10 -3.42 8.87
N ARG A 69 -12.81 -2.25 9.42
CA ARG A 69 -12.41 -1.16 8.53
C ARG A 69 -10.92 -1.26 8.16
N LEU A 70 -10.23 -2.19 8.82
CA LEU A 70 -8.81 -2.42 8.56
C LEU A 70 -8.69 -3.43 7.42
N ARG A 71 -8.56 -2.91 6.21
CA ARG A 71 -8.55 -3.73 5.00
C ARG A 71 -7.36 -3.44 4.11
N HIS A 72 -6.58 -4.47 3.82
CA HIS A 72 -5.35 -4.30 3.05
C HIS A 72 -4.91 -5.69 2.63
N SER A 73 -4.13 -5.80 1.56
CA SER A 73 -3.73 -7.14 1.08
C SER A 73 -2.91 -7.93 2.11
N ARG A 74 -2.31 -7.23 3.07
CA ARG A 74 -1.41 -7.89 4.01
C ARG A 74 -1.94 -7.97 5.43
N VAL A 75 -3.25 -7.78 5.60
CA VAL A 75 -3.91 -8.09 6.86
C VAL A 75 -5.12 -8.98 6.61
N VAL A 76 -5.42 -9.84 7.58
CA VAL A 76 -6.48 -10.82 7.37
C VAL A 76 -7.83 -10.15 7.38
N LYS A 77 -8.79 -10.77 6.69
CA LYS A 77 -10.14 -10.23 6.62
C LYS A 77 -11.08 -10.89 7.62
N LEU A 78 -11.88 -10.07 8.29
CA LEU A 78 -13.01 -10.57 9.06
C LEU A 78 -14.14 -10.82 8.07
N LEU A 79 -14.43 -12.09 7.82
CA LEU A 79 -15.44 -12.46 6.82
C LEU A 79 -16.83 -12.34 7.41
N GLY A 80 -16.95 -12.54 8.72
CA GLY A 80 -18.25 -12.38 9.34
C GLY A 80 -18.23 -12.51 10.84
N VAL A 81 -19.38 -12.25 11.45
CA VAL A 81 -19.56 -12.46 12.89
C VAL A 81 -20.81 -13.31 13.10
N ILE A 82 -20.75 -14.20 14.08
CA ILE A 82 -21.92 -14.94 14.50
C ILE A 82 -22.29 -14.45 15.89
N ILE A 83 -23.47 -13.85 15.97
CA ILE A 83 -23.98 -13.32 17.23
C ILE A 83 -25.30 -14.03 17.55
N GLU A 84 -25.17 -15.16 18.23
CA GLU A 84 -26.30 -16.00 18.58
C GLU A 84 -26.44 -16.13 20.09
N GLU A 85 -27.61 -16.59 20.53
CA GLU A 85 -27.89 -16.80 21.94
C GLU A 85 -26.82 -17.67 22.60
N GLY A 86 -25.91 -17.04 23.34
CA GLY A 86 -24.86 -17.77 24.04
C GLY A 86 -23.85 -18.43 23.13
N LYS A 87 -23.83 -18.04 21.85
CA LYS A 87 -22.75 -18.45 20.95
C LYS A 87 -22.24 -17.26 20.17
N TYR A 88 -20.94 -17.00 20.27
CA TYR A 88 -20.32 -15.85 19.62
C TYR A 88 -19.08 -16.29 18.85
N SER A 89 -19.00 -15.88 17.59
CA SER A 89 -17.90 -16.30 16.75
C SER A 89 -17.41 -15.20 15.82
N LEU A 90 -16.11 -15.17 15.61
CA LEU A 90 -15.50 -14.33 14.59
C LEU A 90 -15.09 -15.26 13.45
N VAL A 91 -15.43 -14.89 12.23
CA VAL A 91 -15.09 -15.69 11.06
C VAL A 91 -14.11 -14.92 10.18
N MET A 92 -12.98 -15.58 9.94
CA MET A 92 -11.77 -14.98 9.35
C MET A 92 -11.39 -15.80 8.13
N GLU A 93 -10.72 -15.18 7.16
CA GLU A 93 -10.32 -15.92 5.98
C GLU A 93 -9.35 -17.05 6.34
N TYR A 94 -9.29 -18.06 5.48
CA TYR A 94 -8.52 -19.25 5.74
C TYR A 94 -7.14 -19.08 5.12
N MET A 95 -6.10 -19.21 5.94
CA MET A 95 -4.75 -19.09 5.45
C MET A 95 -4.12 -20.47 5.36
N GLU A 96 -4.02 -20.97 4.13
CA GLU A 96 -3.77 -22.39 3.86
C GLU A 96 -2.52 -22.97 4.51
N LYS A 97 -1.45 -22.17 4.54
CA LYS A 97 -0.18 -22.67 5.07
C LYS A 97 0.06 -22.37 6.54
N GLY A 98 -0.97 -21.88 7.24
CA GLY A 98 -0.84 -21.63 8.68
C GLY A 98 0.14 -20.52 9.04
N ASN A 99 0.70 -20.55 10.24
CA ASN A 99 1.55 -19.43 10.65
C ASN A 99 2.99 -19.49 10.15
N LEU A 100 3.68 -18.35 10.25
CA LEU A 100 5.04 -18.23 9.72
C LEU A 100 6.00 -19.25 10.30
N MET A 101 5.89 -19.48 11.60
CA MET A 101 6.81 -20.41 12.28
C MET A 101 6.56 -21.83 11.75
N HIS A 102 5.29 -22.15 11.54
CA HIS A 102 4.95 -23.46 10.96
C HIS A 102 5.58 -23.61 9.58
N VAL A 103 5.46 -22.58 8.75
CA VAL A 103 6.07 -22.57 7.42
C VAL A 103 7.59 -22.70 7.42
N LEU A 104 8.25 -21.97 8.31
CA LEU A 104 9.71 -22.03 8.44
C LEU A 104 10.17 -23.42 8.90
N LYS A 105 9.34 -24.10 9.66
CA LYS A 105 9.72 -25.36 10.28
C LYS A 105 9.25 -26.62 9.55
N ALA A 106 8.89 -26.49 8.28
CA ALA A 106 8.45 -27.65 7.51
C ALA A 106 9.61 -28.21 6.68
N GLU A 107 9.51 -29.50 6.35
CA GLU A 107 10.54 -30.24 5.62
C GLU A 107 11.18 -29.47 4.47
N MET A 108 10.35 -28.78 3.69
CA MET A 108 10.82 -28.00 2.54
C MET A 108 11.66 -26.80 2.95
N SER A 109 11.83 -25.86 2.02
CA SER A 109 12.67 -24.70 2.27
C SER A 109 12.28 -23.53 1.38
N THR A 110 13.08 -22.47 1.43
CA THR A 110 12.69 -21.15 0.91
C THR A 110 13.90 -20.37 0.41
N PRO A 111 13.86 -19.89 -0.83
CA PRO A 111 15.01 -19.06 -1.23
C PRO A 111 15.08 -17.77 -0.41
N LEU A 112 16.30 -17.22 -0.33
CA LEU A 112 16.55 -15.87 0.13
C LEU A 112 15.47 -14.90 -0.37
N SER A 113 15.28 -14.88 -1.69
CA SER A 113 14.32 -13.98 -2.32
C SER A 113 12.90 -14.05 -1.71
N VAL A 114 12.45 -15.26 -1.41
CA VAL A 114 11.14 -15.47 -0.82
C VAL A 114 11.03 -15.02 0.66
N LYS A 115 12.07 -15.32 1.45
CA LYS A 115 12.08 -14.83 2.84
C LYS A 115 12.10 -13.29 2.80
N GLY A 116 12.77 -12.76 1.78
CA GLY A 116 12.84 -11.33 1.54
C GLY A 116 11.49 -10.73 1.20
N ARG A 117 10.74 -11.43 0.35
CA ARG A 117 9.39 -10.99 0.00
C ARG A 117 8.47 -11.04 1.23
N ILE A 118 8.59 -12.09 2.03
CA ILE A 118 7.81 -12.21 3.26
C ILE A 118 8.09 -11.01 4.16
N ILE A 119 9.37 -10.65 4.27
CA ILE A 119 9.73 -9.48 5.08
C ILE A 119 9.08 -8.20 4.52
N LEU A 120 9.21 -8.01 3.20
CA LEU A 120 8.58 -6.86 2.57
C LEU A 120 7.06 -6.78 2.83
N GLU A 121 6.39 -7.93 2.79
CA GLU A 121 4.93 -7.96 2.97
C GLU A 121 4.57 -7.68 4.42
N ILE A 122 5.39 -8.17 5.33
CA ILE A 122 5.23 -7.79 6.74
C ILE A 122 5.34 -6.27 6.94
N ILE A 123 6.36 -5.67 6.33
CA ILE A 123 6.55 -4.22 6.43
C ILE A 123 5.33 -3.51 5.86
N GLU A 124 4.81 -3.99 4.73
CA GLU A 124 3.65 -3.35 4.09
C GLU A 124 2.45 -3.41 5.01
N GLY A 125 2.22 -4.58 5.58
CA GLY A 125 1.09 -4.75 6.49
C GLY A 125 1.18 -3.84 7.71
N MET A 126 2.38 -3.79 8.29
CA MET A 126 2.54 -3.00 9.51
C MET A 126 2.44 -1.52 9.22
N ALA A 127 2.98 -1.11 8.09
CA ALA A 127 2.87 0.28 7.63
C ALA A 127 1.40 0.63 7.44
N TYR A 128 0.63 -0.30 6.86
CA TYR A 128 -0.82 -0.05 6.75
C TYR A 128 -1.47 0.17 8.12
N LEU A 129 -1.25 -0.78 9.04
CA LEU A 129 -1.86 -0.67 10.39
C LEU A 129 -1.48 0.63 11.07
N HIS A 130 -0.20 0.95 11.06
CA HIS A 130 0.26 2.19 11.71
C HIS A 130 -0.29 3.44 11.02
N GLY A 131 -0.47 3.37 9.70
CA GLY A 131 -1.07 4.46 8.96
C GLY A 131 -2.53 4.65 9.34
N LYS A 132 -3.16 3.59 9.86
CA LYS A 132 -4.53 3.71 10.37
C LYS A 132 -4.58 4.06 11.86
N GLY A 133 -3.41 4.33 12.45
CA GLY A 133 -3.35 4.64 13.87
C GLY A 133 -3.52 3.44 14.77
N VAL A 134 -3.27 2.25 14.22
CA VAL A 134 -3.45 1.01 14.96
C VAL A 134 -2.10 0.39 15.35
N ILE A 135 -1.88 0.22 16.65
N ILE A 135 -1.86 0.24 16.65
CA ILE A 135 -0.69 -0.46 17.15
CA ILE A 135 -0.67 -0.45 17.13
C ILE A 135 -1.03 -1.92 17.39
C ILE A 135 -1.01 -1.91 17.39
N HIS A 136 -0.24 -2.83 16.81
CA HIS A 136 -0.56 -4.24 16.96
C HIS A 136 -0.44 -4.71 18.40
N LYS A 137 0.74 -4.45 18.98
CA LYS A 137 1.08 -4.77 20.36
C LYS A 137 1.55 -6.20 20.60
N ASP A 138 1.21 -7.13 19.69
CA ASP A 138 1.64 -8.51 19.87
C ASP A 138 2.04 -9.16 18.55
N LEU A 139 2.88 -8.45 17.80
CA LEU A 139 3.41 -9.01 16.56
C LEU A 139 4.39 -10.12 16.88
N LYS A 140 4.24 -11.23 16.18
CA LYS A 140 5.04 -12.43 16.44
C LYS A 140 4.70 -13.42 15.34
N PRO A 141 5.52 -14.47 15.17
CA PRO A 141 5.28 -15.36 14.04
C PRO A 141 3.92 -16.07 14.08
N GLU A 142 3.37 -16.33 15.27
CA GLU A 142 2.02 -16.90 15.37
C GLU A 142 0.97 -15.99 14.79
N ASN A 143 1.25 -14.69 14.74
CA ASN A 143 0.29 -13.73 14.19
C ASN A 143 0.61 -13.34 12.75
N ILE A 144 1.49 -14.09 12.10
CA ILE A 144 1.80 -13.86 10.69
C ILE A 144 1.39 -15.13 9.93
N LEU A 145 0.31 -15.02 9.15
CA LEU A 145 -0.27 -16.20 8.52
C LEU A 145 0.14 -16.26 7.05
N VAL A 146 0.15 -17.47 6.49
CA VAL A 146 0.71 -17.65 5.14
C VAL A 146 -0.31 -18.34 4.23
N ASP A 147 -0.50 -17.81 3.02
CA ASP A 147 -1.45 -18.44 2.10
C ASP A 147 -0.79 -19.54 1.28
N ASN A 148 -1.56 -20.12 0.38
CA ASN A 148 -1.07 -21.22 -0.43
C ASN A 148 0.04 -20.81 -1.38
N ASP A 149 0.16 -19.51 -1.65
CA ASP A 149 1.22 -19.02 -2.54
C ASP A 149 2.39 -18.35 -1.82
N PHE A 150 2.52 -18.61 -0.52
CA PHE A 150 3.59 -18.05 0.32
C PHE A 150 3.55 -16.53 0.47
N HIS A 151 2.35 -15.95 0.34
CA HIS A 151 2.16 -14.53 0.64
C HIS A 151 1.58 -14.44 2.06
N ILE A 152 1.88 -13.36 2.77
CA ILE A 152 1.50 -13.34 4.18
C ILE A 152 0.43 -12.30 4.52
N LYS A 153 -0.27 -12.54 5.62
CA LYS A 153 -1.15 -11.51 6.19
C LYS A 153 -0.95 -11.47 7.68
N ILE A 154 -0.93 -10.26 8.23
CA ILE A 154 -0.81 -10.08 9.68
C ILE A 154 -2.19 -10.30 10.31
N ALA A 155 -2.22 -10.89 11.49
CA ALA A 155 -3.47 -11.20 12.18
C ALA A 155 -3.38 -10.82 13.65
N ASP A 156 -4.52 -10.62 14.30
CA ASP A 156 -4.56 -10.40 15.75
C ASP A 156 -5.25 -11.59 16.41
N LEU A 157 -4.63 -12.76 16.33
CA LEU A 157 -5.31 -14.00 16.74
C LEU A 157 -5.59 -14.07 18.24
N GLY A 158 -4.74 -13.43 19.04
CA GLY A 158 -4.94 -13.39 20.48
C GLY A 158 -5.93 -12.31 20.91
N LEU A 159 -6.48 -11.62 19.91
CA LEU A 159 -7.49 -10.58 20.12
C LEU A 159 -7.02 -9.43 21.02
N ALA A 160 -5.76 -9.02 20.86
CA ALA A 160 -5.18 -7.97 21.66
C ALA A 160 -5.82 -6.62 21.35
N SER A 161 -6.38 -6.51 20.15
CA SER A 161 -7.01 -5.26 19.72
C SER A 161 -8.56 -5.34 19.72
N PHE A 162 -9.08 -6.55 19.78
CA PHE A 162 -10.52 -6.79 19.90
C PHE A 162 -10.88 -6.83 21.38
N LYS A 163 -11.02 -5.67 22.01
CA LYS A 163 -11.12 -5.61 23.47
C LYS A 163 -12.36 -6.30 24.03
N MET A 164 -13.50 -6.04 23.41
CA MET A 164 -14.77 -6.64 23.85
C MET A 164 -14.80 -8.14 23.62
N TRP A 165 -14.41 -8.60 22.44
CA TRP A 165 -14.42 -10.03 22.16
C TRP A 165 -13.45 -10.76 23.07
N SER A 166 -12.36 -10.07 23.42
CA SER A 166 -11.39 -10.61 24.35
C SER A 166 -12.00 -10.73 25.75
N LYS A 167 -12.74 -9.70 26.17
CA LYS A 167 -13.40 -9.74 27.49
C LYS A 167 -14.41 -10.88 27.56
N LEU A 168 -15.37 -10.84 26.62
CA LEU A 168 -16.36 -11.89 26.38
C LEU A 168 -15.79 -13.28 26.63
N ASN A 169 -14.65 -13.55 26.00
CA ASN A 169 -13.97 -14.84 26.11
C ASN A 169 -13.73 -15.30 27.55
N GLY A 188 1.93 -17.78 25.35
CA GLY A 188 2.05 -16.35 25.50
C GLY A 188 3.50 -15.92 25.58
N THR A 189 4.19 -16.08 24.46
CA THR A 189 5.61 -15.80 24.39
C THR A 189 5.90 -14.35 24.69
N LEU A 190 7.05 -14.14 25.32
CA LEU A 190 7.55 -12.82 25.64
C LEU A 190 8.74 -12.53 24.74
N TYR A 191 9.03 -13.46 23.83
CA TYR A 191 10.26 -13.40 23.03
C TYR A 191 10.30 -12.21 22.07
N TYR A 192 9.13 -11.74 21.66
CA TYR A 192 9.05 -10.65 20.67
C TYR A 192 8.54 -9.36 21.28
N MET A 193 8.45 -9.33 22.60
CA MET A 193 7.92 -8.14 23.30
C MET A 193 9.03 -7.12 23.64
N ALA A 194 8.76 -5.83 23.37
CA ALA A 194 9.77 -4.79 23.58
C ALA A 194 10.11 -4.71 25.06
N PRO A 195 11.38 -4.44 25.39
CA PRO A 195 11.74 -4.54 26.81
C PRO A 195 11.02 -3.53 27.68
N GLU A 196 10.61 -2.39 27.13
CA GLU A 196 9.82 -1.42 27.90
C GLU A 196 8.49 -1.97 28.40
N HIS A 197 8.04 -3.10 27.84
CA HIS A 197 6.82 -3.76 28.33
C HIS A 197 7.09 -4.94 29.25
N LEU A 198 8.33 -5.41 29.28
CA LEU A 198 8.69 -6.50 30.18
C LEU A 198 8.70 -5.94 31.60
N ASN A 199 7.98 -6.60 32.51
CA ASN A 199 7.89 -6.16 33.91
C ASN A 199 7.35 -4.74 34.07
N ASP A 200 6.59 -4.29 33.08
CA ASP A 200 5.86 -3.03 33.18
C ASP A 200 4.60 -3.09 32.32
N VAL A 201 3.52 -3.59 32.89
CA VAL A 201 2.30 -3.79 32.11
C VAL A 201 1.49 -2.52 31.95
N ASN A 202 1.89 -1.47 32.63
CA ASN A 202 1.10 -0.24 32.59
C ASN A 202 1.56 0.72 31.51
N ALA A 203 2.81 0.57 31.10
CA ALA A 203 3.35 1.41 30.04
C ALA A 203 2.53 1.25 28.77
N LYS A 204 2.21 2.35 28.11
CA LYS A 204 1.39 2.26 26.91
C LYS A 204 2.29 1.85 25.75
N PRO A 205 1.78 1.01 24.85
CA PRO A 205 2.57 0.66 23.66
C PRO A 205 2.59 1.79 22.66
N THR A 206 3.61 1.82 21.80
CA THR A 206 3.72 2.80 20.73
C THR A 206 4.06 2.04 19.46
N GLU A 207 4.15 2.74 18.33
CA GLU A 207 4.59 2.11 17.08
C GLU A 207 5.94 1.37 17.25
N LYS A 208 6.80 1.96 18.08
CA LYS A 208 8.12 1.38 18.33
C LYS A 208 8.08 0.00 19.03
N SER A 209 7.00 -0.25 19.77
CA SER A 209 6.79 -1.57 20.37
C SER A 209 6.72 -2.65 19.26
N ASP A 210 5.99 -2.29 18.20
CA ASP A 210 5.81 -3.19 17.06
C ASP A 210 7.12 -3.29 16.29
N VAL A 211 7.84 -2.18 16.19
CA VAL A 211 9.14 -2.24 15.46
C VAL A 211 10.12 -3.22 16.13
N TYR A 212 10.13 -3.20 17.46
CA TYR A 212 10.92 -4.20 18.18
C TYR A 212 10.50 -5.64 17.86
N SER A 213 9.19 -5.86 17.98
CA SER A 213 8.68 -7.21 17.67
C SER A 213 9.15 -7.68 16.29
N PHE A 214 9.04 -6.78 15.31
CA PHE A 214 9.48 -7.04 13.94
C PHE A 214 10.96 -7.40 13.87
N ALA A 215 11.80 -6.72 14.65
CA ALA A 215 13.22 -7.10 14.68
C ALA A 215 13.41 -8.57 15.06
N VAL A 216 12.72 -8.98 16.12
CA VAL A 216 12.89 -10.40 16.50
C VAL A 216 12.29 -11.35 15.48
N VAL A 217 11.18 -10.93 14.87
CA VAL A 217 10.66 -11.67 13.73
C VAL A 217 11.70 -11.87 12.60
N LEU A 218 12.47 -10.82 12.24
CA LEU A 218 13.54 -10.96 11.23
C LEU A 218 14.51 -12.06 11.66
N TRP A 219 14.90 -11.97 12.93
CA TRP A 219 15.78 -13.02 13.44
C TRP A 219 15.21 -14.43 13.24
N ALA A 220 13.96 -14.63 13.62
CA ALA A 220 13.32 -15.93 13.54
C ALA A 220 13.18 -16.42 12.10
N ILE A 221 12.90 -15.50 11.19
CA ILE A 221 12.82 -15.82 9.77
C ILE A 221 14.15 -16.39 9.30
N PHE A 222 15.27 -15.86 9.79
CA PHE A 222 16.52 -16.52 9.38
C PHE A 222 17.02 -17.72 10.22
N ALA A 223 16.68 -17.77 11.50
CA ALA A 223 17.06 -18.92 12.34
C ALA A 223 16.18 -20.17 12.18
N ASN A 224 14.97 -19.99 11.62
CA ASN A 224 13.96 -21.05 11.53
C ASN A 224 13.53 -21.64 12.87
N LYS A 225 13.54 -20.84 13.93
CA LYS A 225 13.20 -21.32 15.24
C LYS A 225 13.06 -20.12 16.17
N GLU A 226 12.64 -20.40 17.40
CA GLU A 226 12.49 -19.38 18.43
C GLU A 226 13.86 -18.99 18.99
N PRO A 227 14.02 -17.70 19.40
CA PRO A 227 15.26 -17.23 20.01
C PRO A 227 15.41 -17.75 21.44
N TYR A 228 16.57 -17.49 22.04
CA TYR A 228 16.79 -17.68 23.48
C TYR A 228 16.74 -19.14 23.96
N GLU A 229 17.01 -20.10 23.08
CA GLU A 229 16.86 -21.52 23.46
C GLU A 229 17.69 -21.95 24.67
N ASN A 230 18.80 -21.25 24.94
CA ASN A 230 19.59 -21.57 26.13
C ASN A 230 19.43 -20.60 27.32
N ALA A 231 18.33 -19.88 27.35
CA ALA A 231 18.04 -19.05 28.52
C ALA A 231 17.89 -19.94 29.75
N ILE A 232 18.26 -19.43 30.92
CA ILE A 232 18.14 -20.20 32.15
C ILE A 232 16.67 -20.42 32.50
N ALA A 233 15.93 -19.31 32.57
CA ALA A 233 14.53 -19.33 32.98
C ALA A 233 13.90 -17.95 32.78
N GLU A 234 12.57 -17.90 32.76
CA GLU A 234 11.80 -16.71 32.42
C GLU A 234 12.25 -15.44 33.14
N GLN A 235 12.29 -15.48 34.47
CA GLN A 235 12.68 -14.32 35.28
C GLN A 235 14.02 -13.70 34.86
N GLN A 236 15.04 -14.54 34.89
CA GLN A 236 16.39 -14.11 34.54
C GLN A 236 16.47 -13.69 33.08
N LEU A 237 15.74 -14.38 32.20
CA LEU A 237 15.76 -14.00 30.78
C LEU A 237 15.15 -12.61 30.56
N ILE A 238 14.00 -12.36 31.18
CA ILE A 238 13.37 -11.03 31.12
C ILE A 238 14.36 -9.98 31.60
N MET A 239 14.98 -10.22 32.75
CA MET A 239 15.97 -9.23 33.22
C MET A 239 17.15 -9.04 32.28
N ALA A 240 17.62 -10.13 31.65
CA ALA A 240 18.70 -10.03 30.68
C ALA A 240 18.30 -9.20 29.45
N ILE A 241 17.10 -9.42 28.94
CA ILE A 241 16.62 -8.67 27.78
C ILE A 241 16.47 -7.19 28.14
N LYS A 242 15.93 -6.93 29.32
CA LYS A 242 15.79 -5.54 29.77
C LYS A 242 17.14 -4.86 29.90
N SER A 243 18.20 -5.64 30.10
CA SER A 243 19.54 -5.06 30.26
C SER A 243 20.33 -5.08 28.96
N GLY A 244 19.68 -5.45 27.87
CA GLY A 244 20.31 -5.36 26.57
C GLY A 244 20.57 -6.67 25.83
N ASN A 245 20.30 -7.82 26.46
CA ASN A 245 20.52 -9.08 25.75
C ASN A 245 19.50 -9.30 24.62
N ARG A 246 19.95 -9.93 23.53
CA ARG A 246 19.13 -10.03 22.32
C ARG A 246 19.32 -11.43 21.70
N PRO A 247 18.50 -11.77 20.69
CA PRO A 247 18.69 -13.09 20.08
C PRO A 247 20.11 -13.25 19.55
N ASP A 248 20.63 -14.48 19.59
CA ASP A 248 22.01 -14.75 19.22
C ASP A 248 22.16 -14.77 17.71
N VAL A 249 22.88 -13.77 17.18
CA VAL A 249 23.07 -13.65 15.74
C VAL A 249 23.83 -14.88 15.22
N ASP A 250 24.65 -15.49 16.07
CA ASP A 250 25.38 -16.72 15.72
C ASP A 250 24.46 -17.92 15.47
N ASP A 251 23.37 -18.04 16.23
CA ASP A 251 22.46 -19.17 16.07
C ASP A 251 21.70 -19.16 14.75
N ILE A 252 21.86 -18.08 13.99
CA ILE A 252 21.47 -18.08 12.58
C ILE A 252 22.61 -18.78 11.88
N THR A 253 22.36 -20.00 11.41
CA THR A 253 23.40 -20.77 10.74
C THR A 253 23.21 -20.82 9.22
N GLU A 254 22.03 -20.44 8.74
CA GLU A 254 21.86 -20.26 7.30
C GLU A 254 22.20 -18.81 6.94
N TYR A 255 22.39 -18.54 5.66
CA TYR A 255 22.86 -17.22 5.23
C TYR A 255 21.83 -16.11 5.45
N CYS A 256 22.24 -15.05 6.15
CA CYS A 256 21.38 -13.87 6.28
C CYS A 256 22.11 -12.63 5.78
N PRO A 257 21.53 -11.92 4.78
CA PRO A 257 22.19 -10.73 4.21
C PRO A 257 22.61 -9.75 5.30
N ARG A 258 23.79 -9.17 5.14
CA ARG A 258 24.35 -8.22 6.10
C ARG A 258 23.39 -7.09 6.45
N GLU A 259 22.73 -6.53 5.44
CA GLU A 259 21.84 -5.42 5.75
C GLU A 259 20.57 -5.83 6.52
N ILE A 260 20.20 -7.11 6.49
CA ILE A 260 19.07 -7.57 7.32
C ILE A 260 19.55 -7.77 8.75
N ILE A 261 20.79 -8.23 8.92
CA ILE A 261 21.39 -8.25 10.26
C ILE A 261 21.45 -6.83 10.87
N SER A 262 21.88 -5.86 10.05
CA SER A 262 21.94 -4.49 10.50
C SER A 262 20.53 -4.02 10.85
N LEU A 263 19.57 -4.35 9.99
CA LEU A 263 18.19 -3.94 10.20
C LEU A 263 17.62 -4.48 11.49
N MET A 264 17.79 -5.77 11.75
CA MET A 264 17.26 -6.33 12.98
C MET A 264 17.94 -5.70 14.19
N LYS A 265 19.25 -5.42 14.10
CA LYS A 265 19.88 -4.76 15.26
C LYS A 265 19.37 -3.34 15.48
N LEU A 266 19.06 -2.63 14.40
CA LEU A 266 18.55 -1.26 14.56
C LEU A 266 17.14 -1.31 15.15
N CYS A 267 16.34 -2.26 14.69
CA CYS A 267 14.94 -2.33 15.12
C CYS A 267 14.79 -2.85 16.56
N TRP A 268 15.83 -3.49 17.11
CA TRP A 268 15.73 -3.93 18.51
C TRP A 268 16.57 -3.14 19.51
N GLU A 269 17.00 -1.95 19.10
CA GLU A 269 17.66 -1.02 20.03
C GLU A 269 16.85 -0.83 21.31
N ALA A 270 17.52 -0.78 22.46
CA ALA A 270 16.84 -0.57 23.73
C ALA A 270 16.01 0.71 23.74
N ASN A 271 16.59 1.80 23.22
CA ASN A 271 15.89 3.09 23.18
C ASN A 271 14.88 3.10 22.03
N PRO A 272 13.58 3.21 22.36
CA PRO A 272 12.58 3.08 21.29
C PRO A 272 12.76 4.18 20.26
N GLU A 273 13.28 5.32 20.71
CA GLU A 273 13.51 6.46 19.83
C GLU A 273 14.58 6.15 18.77
N ALA A 274 15.49 5.25 19.09
CA ALA A 274 16.54 4.85 18.14
C ALA A 274 16.02 3.87 17.06
N ARG A 275 14.84 3.31 17.27
CA ARG A 275 14.27 2.38 16.28
C ARG A 275 13.59 3.16 15.16
N PRO A 276 13.66 2.65 13.92
CA PRO A 276 13.01 3.37 12.81
C PRO A 276 11.50 3.19 12.81
N THR A 277 10.80 3.96 11.98
CA THR A 277 9.37 3.76 11.79
C THR A 277 9.21 2.76 10.67
N PHE A 278 8.02 2.20 10.50
CA PHE A 278 7.81 1.31 9.37
C PHE A 278 7.96 1.99 8.01
N PRO A 279 7.50 3.25 7.87
CA PRO A 279 7.83 3.88 6.59
C PRO A 279 9.34 3.98 6.32
N GLY A 280 10.12 4.33 7.34
CA GLY A 280 11.58 4.39 7.18
C GLY A 280 12.17 3.04 6.79
N ILE A 281 11.68 2.01 7.50
CA ILE A 281 12.04 0.65 7.17
C ILE A 281 11.75 0.34 5.71
N GLU A 282 10.54 0.64 5.23
CA GLU A 282 10.16 0.26 3.88
C GLU A 282 11.05 1.01 2.88
N GLU A 283 11.32 2.27 3.18
CA GLU A 283 12.07 3.11 2.24
C GLU A 283 13.54 2.75 2.21
N LYS A 284 14.03 2.01 3.20
CA LYS A 284 15.33 1.33 2.98
C LYS A 284 15.25 -0.07 2.37
N PHE A 285 14.31 -0.88 2.83
CA PHE A 285 14.23 -2.29 2.46
C PHE A 285 13.72 -2.59 1.05
N ARG A 286 12.75 -1.82 0.57
CA ARG A 286 12.19 -2.14 -0.74
C ARG A 286 13.25 -2.15 -1.86
N PRO A 287 14.03 -1.07 -1.97
CA PRO A 287 15.00 -1.12 -3.07
C PRO A 287 16.10 -2.15 -2.85
N PHE A 288 16.37 -2.53 -1.60
CA PHE A 288 17.34 -3.60 -1.34
C PHE A 288 16.77 -4.92 -1.84
N TYR A 289 15.50 -5.16 -1.52
CA TYR A 289 14.82 -6.35 -1.99
C TYR A 289 14.79 -6.32 -3.52
N LEU A 290 14.56 -5.12 -4.05
CA LEU A 290 14.43 -4.91 -5.50
C LEU A 290 15.77 -5.02 -6.22
N SER A 291 16.83 -4.51 -5.61
CA SER A 291 18.13 -4.55 -6.28
C SER A 291 18.88 -5.85 -6.06
N GLN A 292 18.53 -6.60 -5.01
CA GLN A 292 19.30 -7.80 -4.68
CA GLN A 292 19.29 -7.80 -4.64
C GLN A 292 18.48 -9.08 -4.52
N LEU A 293 17.17 -8.96 -4.29
CA LEU A 293 16.39 -10.16 -4.00
C LEU A 293 15.18 -10.44 -4.93
N GLU A 294 14.58 -9.43 -5.54
CA GLU A 294 13.34 -9.66 -6.32
C GLU A 294 13.56 -10.41 -7.63
N LEU B 7 12.34 12.76 5.62
CA LEU B 7 11.00 12.34 6.02
C LEU B 7 10.07 13.55 6.16
N ASN B 8 10.68 14.73 6.23
CA ASN B 8 10.00 15.98 5.96
C ASN B 8 10.84 16.73 4.91
N VAL B 9 10.41 17.93 4.53
CA VAL B 9 10.86 18.48 3.23
C VAL B 9 12.22 19.17 3.21
N ILE B 10 13.09 18.64 2.34
CA ILE B 10 14.46 19.13 2.20
C ILE B 10 14.56 20.33 1.25
N LYS B 11 15.26 21.37 1.72
CA LYS B 11 15.45 22.60 0.96
C LYS B 11 16.68 22.48 0.07
N MET B 12 16.48 22.36 -1.23
CA MET B 12 17.61 22.23 -2.15
C MET B 12 17.87 23.57 -2.82
N LYS B 13 19.01 23.71 -3.47
CA LYS B 13 19.29 24.94 -4.21
C LYS B 13 19.53 24.65 -5.67
N SER B 14 19.19 25.61 -6.52
CA SER B 14 19.43 25.49 -7.95
C SER B 14 20.90 25.16 -8.23
N SER B 15 21.79 25.75 -7.44
CA SER B 15 23.22 25.51 -7.61
C SER B 15 23.64 24.08 -7.27
N ASP B 16 22.75 23.31 -6.64
CA ASP B 16 23.03 21.89 -6.35
C ASP B 16 22.87 21.04 -7.61
N PHE B 17 22.43 21.67 -8.70
CA PHE B 17 21.99 20.94 -9.88
C PHE B 17 22.64 21.39 -11.19
N LEU B 18 22.88 20.41 -12.06
CA LEU B 18 23.18 20.68 -13.47
C LEU B 18 22.01 20.12 -14.25
N GLU B 19 21.39 20.91 -15.12
CA GLU B 19 20.11 20.50 -15.72
C GLU B 19 20.14 20.28 -17.23
N SER B 20 19.24 19.42 -17.68
CA SER B 20 18.98 19.24 -19.10
C SER B 20 18.16 20.42 -19.58
N ALA B 21 17.97 20.52 -20.91
CA ALA B 21 17.02 21.44 -21.49
C ALA B 21 15.60 21.00 -21.10
N GLU B 22 14.62 21.86 -21.32
CA GLU B 22 13.23 21.54 -20.99
C GLU B 22 12.76 20.28 -21.70
N LEU B 23 12.06 19.42 -20.97
CA LEU B 23 11.54 18.16 -21.51
C LEU B 23 10.22 18.32 -22.27
N ASP B 24 9.95 17.42 -23.21
CA ASP B 24 8.68 17.45 -23.95
C ASP B 24 7.61 16.66 -23.22
N SER B 25 7.99 16.09 -22.08
CA SER B 25 7.04 15.43 -21.18
C SER B 25 7.30 15.90 -19.74
N GLY B 26 6.41 15.56 -18.82
CA GLY B 26 6.66 15.87 -17.42
C GLY B 26 5.57 16.72 -16.79
N GLY B 27 4.63 17.18 -17.60
CA GLY B 27 3.45 17.88 -17.12
C GLY B 27 3.59 19.38 -16.90
N PHE B 28 2.93 19.83 -15.83
CA PHE B 28 2.80 21.24 -15.45
C PHE B 28 4.14 21.92 -15.11
N GLY B 29 4.31 23.17 -15.53
CA GLY B 29 5.53 23.91 -15.21
C GLY B 29 6.64 23.68 -16.22
N LYS B 30 7.84 24.18 -15.91
CA LYS B 30 9.01 23.96 -16.74
C LYS B 30 9.80 22.78 -16.21
N VAL B 31 9.77 21.67 -16.95
CA VAL B 31 10.29 20.40 -16.45
C VAL B 31 11.62 20.04 -17.09
N SER B 32 12.62 19.68 -16.28
CA SER B 32 13.92 19.29 -16.81
C SER B 32 14.48 18.11 -16.03
N LEU B 33 15.36 17.34 -16.67
CA LEU B 33 16.15 16.36 -15.94
C LEU B 33 17.26 17.12 -15.22
N ALA B 34 17.50 16.79 -13.95
CA ALA B 34 18.50 17.51 -13.20
C ALA B 34 19.42 16.55 -12.45
N PHE B 35 20.72 16.71 -12.65
CA PHE B 35 21.72 15.94 -11.93
C PHE B 35 22.16 16.73 -10.71
N HIS B 36 21.74 16.25 -9.54
CA HIS B 36 22.15 16.82 -8.24
C HIS B 36 23.61 16.44 -8.04
N ARG B 37 24.43 17.42 -7.65
CA ARG B 37 25.88 17.25 -7.64
C ARG B 37 26.39 16.14 -6.73
N THR B 38 25.58 15.73 -5.76
CA THR B 38 25.98 14.65 -4.87
C THR B 38 24.98 13.50 -4.80
N GLN B 39 23.72 13.78 -5.14
CA GLN B 39 22.66 12.79 -4.93
C GLN B 39 22.13 12.16 -6.21
N GLY B 40 22.58 12.66 -7.36
CA GLY B 40 22.24 12.02 -8.61
C GLY B 40 21.00 12.57 -9.32
N LEU B 41 20.51 11.80 -10.29
CA LEU B 41 19.47 12.25 -11.20
C LEU B 41 18.08 12.39 -10.53
N MET B 42 17.40 13.47 -10.84
CA MET B 42 16.07 13.81 -10.29
C MET B 42 15.32 14.60 -11.37
N ILE B 43 14.01 14.78 -11.18
CA ILE B 43 13.22 15.64 -12.06
C ILE B 43 12.94 17.00 -11.42
N MET B 44 13.21 18.07 -12.16
CA MET B 44 13.03 19.43 -11.69
C MET B 44 11.78 20.02 -12.33
N LYS B 45 10.79 20.39 -11.52
CA LYS B 45 9.61 21.08 -12.02
C LYS B 45 9.61 22.50 -11.50
N THR B 46 10.04 23.43 -12.33
CA THR B 46 10.04 24.83 -11.92
C THR B 46 8.68 25.47 -12.20
N VAL B 47 8.07 26.02 -11.17
CA VAL B 47 6.70 26.50 -11.25
C VAL B 47 6.65 28.02 -11.46
N TYR B 48 7.63 28.71 -10.88
CA TYR B 48 7.66 30.17 -10.91
C TYR B 48 9.08 30.69 -11.15
N LYS B 49 9.18 31.67 -12.03
CA LYS B 49 10.41 32.44 -12.24
C LYS B 49 10.01 33.88 -12.46
N GLY B 50 10.44 34.78 -11.58
CA GLY B 50 10.07 36.19 -11.68
C GLY B 50 10.52 37.01 -10.48
N PRO B 51 9.78 38.08 -10.15
CA PRO B 51 10.18 38.94 -9.03
C PRO B 51 9.88 38.29 -7.69
N ASN B 52 10.45 38.85 -6.63
CA ASN B 52 10.35 38.28 -5.29
C ASN B 52 8.91 38.26 -4.80
N CYS B 53 8.51 37.15 -4.17
CA CYS B 53 7.16 37.05 -3.60
C CYS B 53 7.19 36.15 -2.36
N ILE B 54 8.04 36.52 -1.41
CA ILE B 54 8.29 35.73 -0.21
C ILE B 54 7.03 35.39 0.59
N GLU B 55 6.00 36.22 0.42
CA GLU B 55 4.77 36.06 1.20
C GLU B 55 4.14 34.69 0.99
N HIS B 56 4.42 34.07 -0.15
CA HIS B 56 3.87 32.76 -0.47
C HIS B 56 4.66 31.60 0.13
N ASN B 57 5.94 31.85 0.44
CA ASN B 57 6.85 30.80 0.88
C ASN B 57 6.24 29.83 1.88
N GLU B 58 5.82 30.37 3.03
CA GLU B 58 5.18 29.57 4.07
C GLU B 58 4.14 28.65 3.47
N ALA B 59 3.14 29.23 2.78
CA ALA B 59 2.07 28.43 2.18
C ALA B 59 2.68 27.31 1.33
N LEU B 60 3.57 27.72 0.43
CA LEU B 60 4.22 26.78 -0.48
C LEU B 60 4.83 25.65 0.33
N LEU B 61 5.66 26.02 1.30
CA LEU B 61 6.39 24.99 2.02
C LEU B 61 5.39 24.06 2.70
N GLU B 62 4.34 24.65 3.30
CA GLU B 62 3.43 23.82 4.06
C GLU B 62 2.82 22.82 3.10
N GLU B 63 2.44 23.31 1.92
CA GLU B 63 1.75 22.43 0.98
C GLU B 63 2.67 21.28 0.63
N ALA B 64 3.95 21.59 0.41
CA ALA B 64 4.87 20.54 0.03
C ALA B 64 4.88 19.50 1.15
N LYS B 65 5.01 19.99 2.37
CA LYS B 65 5.08 19.09 3.50
C LYS B 65 3.81 18.24 3.53
N MET B 66 2.67 18.87 3.27
CA MET B 66 1.42 18.12 3.36
C MET B 66 1.45 17.04 2.29
N MET B 67 1.81 17.43 1.07
CA MET B 67 1.75 16.45 -0.02
C MET B 67 2.81 15.36 0.23
N ASN B 68 3.84 15.71 1.00
CA ASN B 68 4.94 14.77 1.20
C ASN B 68 4.53 13.70 2.18
N ARG B 69 3.38 13.87 2.83
CA ARG B 69 2.92 12.85 3.76
C ARG B 69 2.28 11.67 3.03
N LEU B 70 1.98 11.87 1.75
CA LEU B 70 1.46 10.80 0.91
C LEU B 70 2.66 9.94 0.45
N ARG B 71 2.93 8.86 1.17
CA ARG B 71 4.13 8.06 0.90
C ARG B 71 3.74 6.58 0.79
N HIS B 72 4.15 5.96 -0.31
CA HIS B 72 3.76 4.59 -0.59
C HIS B 72 4.57 4.09 -1.77
N SER B 73 4.70 2.76 -1.91
CA SER B 73 5.56 2.22 -2.97
C SER B 73 5.05 2.60 -4.35
N ARG B 74 3.77 2.91 -4.46
CA ARG B 74 3.18 3.17 -5.77
C ARG B 74 2.83 4.63 -6.05
N VAL B 75 3.37 5.55 -5.24
CA VAL B 75 3.30 6.98 -5.56
C VAL B 75 4.68 7.62 -5.54
N VAL B 76 4.89 8.58 -6.43
CA VAL B 76 6.22 9.18 -6.57
C VAL B 76 6.57 9.99 -5.34
N LYS B 77 7.88 10.16 -5.10
CA LYS B 77 8.35 10.96 -3.99
C LYS B 77 8.80 12.36 -4.39
N LEU B 78 8.42 13.32 -3.55
CA LEU B 78 8.97 14.67 -3.61
C LEU B 78 10.32 14.59 -2.91
N LEU B 79 11.41 14.91 -3.62
CA LEU B 79 12.74 14.74 -3.05
C LEU B 79 13.19 16.03 -2.41
N GLY B 80 12.69 17.14 -2.94
CA GLY B 80 13.05 18.42 -2.33
C GLY B 80 12.25 19.58 -2.88
N VAL B 81 12.45 20.76 -2.32
CA VAL B 81 11.89 21.95 -2.93
C VAL B 81 13.00 22.98 -3.09
N ILE B 82 12.85 23.83 -4.09
CA ILE B 82 13.73 24.98 -4.26
C ILE B 82 12.91 26.23 -4.04
N ILE B 83 13.27 26.99 -3.00
CA ILE B 83 12.58 28.22 -2.65
C ILE B 83 13.64 29.32 -2.59
N GLU B 84 13.74 30.07 -3.68
CA GLU B 84 14.74 31.13 -3.80
C GLU B 84 14.07 32.41 -4.26
N GLU B 85 14.82 33.51 -4.25
CA GLU B 85 14.26 34.79 -4.68
C GLU B 85 13.71 34.72 -6.09
N GLY B 86 12.39 34.80 -6.19
CA GLY B 86 11.73 34.76 -7.49
C GLY B 86 11.97 33.47 -8.26
N LYS B 87 12.26 32.38 -7.56
CA LYS B 87 12.43 31.11 -8.27
C LYS B 87 11.96 29.96 -7.40
N TYR B 88 10.97 29.21 -7.91
CA TYR B 88 10.36 28.13 -7.12
C TYR B 88 10.25 26.84 -7.89
N SER B 89 10.70 25.74 -7.30
CA SER B 89 10.70 24.44 -7.99
C SER B 89 10.33 23.34 -7.02
N LEU B 90 9.70 22.29 -7.54
CA LEU B 90 9.54 21.03 -6.82
C LEU B 90 10.52 20.06 -7.45
N VAL B 91 11.13 19.21 -6.63
CA VAL B 91 12.09 18.21 -7.08
C VAL B 91 11.54 16.82 -6.78
N MET B 92 11.41 16.03 -7.84
CA MET B 92 10.72 14.74 -7.81
C MET B 92 11.67 13.61 -8.18
N GLU B 93 11.39 12.39 -7.70
CA GLU B 93 12.24 11.27 -8.13
C GLU B 93 12.08 10.99 -9.63
N TYR B 94 13.12 10.38 -10.21
CA TYR B 94 13.21 10.19 -11.64
C TYR B 94 12.85 8.74 -11.95
N MET B 95 11.88 8.56 -12.84
CA MET B 95 11.46 7.22 -13.26
C MET B 95 12.00 7.04 -14.68
N GLU B 96 12.98 6.17 -14.82
CA GLU B 96 13.80 6.13 -16.01
C GLU B 96 13.07 5.74 -17.30
N LYS B 97 11.98 4.98 -17.19
CA LYS B 97 11.23 4.57 -18.39
C LYS B 97 10.15 5.54 -18.83
N GLY B 98 10.01 6.66 -18.12
CA GLY B 98 9.06 7.67 -18.52
C GLY B 98 7.66 7.21 -18.14
N ASN B 99 6.65 7.68 -18.86
CA ASN B 99 5.28 7.33 -18.49
C ASN B 99 4.76 6.05 -19.16
N LEU B 100 3.62 5.58 -18.68
CA LEU B 100 3.04 4.32 -19.14
C LEU B 100 2.77 4.25 -20.64
N MET B 101 2.27 5.32 -21.22
CA MET B 101 1.97 5.26 -22.66
C MET B 101 3.26 5.16 -23.45
N HIS B 102 4.31 5.82 -22.96
CA HIS B 102 5.62 5.75 -23.60
C HIS B 102 6.16 4.32 -23.55
N VAL B 103 5.90 3.63 -22.44
CA VAL B 103 6.29 2.23 -22.33
C VAL B 103 5.46 1.32 -23.25
N LEU B 104 4.15 1.58 -23.34
CA LEU B 104 3.24 0.73 -24.10
C LEU B 104 3.51 0.82 -25.60
N LYS B 105 4.03 1.97 -26.02
CA LYS B 105 4.30 2.23 -27.44
C LYS B 105 5.72 1.88 -27.86
N ALA B 106 6.54 1.48 -26.90
CA ALA B 106 7.94 1.12 -27.17
C ALA B 106 8.08 -0.04 -28.15
N GLU B 107 9.31 -0.24 -28.63
CA GLU B 107 9.59 -1.29 -29.60
C GLU B 107 9.44 -2.68 -28.99
N MET B 108 10.03 -2.86 -27.81
CA MET B 108 9.95 -4.14 -27.10
C MET B 108 8.57 -4.34 -26.49
N SER B 109 7.95 -5.48 -26.82
CA SER B 109 6.62 -5.79 -26.30
C SER B 109 6.66 -5.95 -24.79
N THR B 110 5.56 -5.55 -24.14
CA THR B 110 5.42 -5.73 -22.69
C THR B 110 4.58 -6.96 -22.47
N PRO B 111 5.14 -7.99 -21.82
CA PRO B 111 4.45 -9.28 -21.65
C PRO B 111 3.13 -9.15 -20.87
N LEU B 112 2.20 -10.06 -21.09
CA LEU B 112 0.94 -10.04 -20.33
C LEU B 112 1.18 -10.04 -18.81
N SER B 113 2.11 -10.85 -18.32
CA SER B 113 2.39 -10.91 -16.87
C SER B 113 2.74 -9.53 -16.30
N VAL B 114 3.50 -8.77 -17.08
CA VAL B 114 3.92 -7.45 -16.66
C VAL B 114 2.76 -6.46 -16.73
N LYS B 115 1.95 -6.54 -17.78
CA LYS B 115 0.76 -5.70 -17.83
C LYS B 115 -0.17 -5.96 -16.65
N GLY B 116 -0.30 -7.23 -16.27
CA GLY B 116 -1.11 -7.61 -15.12
C GLY B 116 -0.54 -7.00 -13.86
N ARG B 117 0.79 -7.08 -13.71
CA ARG B 117 1.41 -6.47 -12.52
C ARG B 117 1.25 -4.94 -12.48
N ILE B 118 1.43 -4.29 -13.62
CA ILE B 118 1.21 -2.85 -13.75
C ILE B 118 -0.20 -2.50 -13.28
N ILE B 119 -1.19 -3.23 -13.76
CA ILE B 119 -2.58 -3.00 -13.33
C ILE B 119 -2.75 -3.16 -11.82
N LEU B 120 -2.15 -4.22 -11.26
CA LEU B 120 -2.26 -4.40 -9.81
C LEU B 120 -1.62 -3.26 -9.02
N GLU B 121 -0.48 -2.77 -9.49
CA GLU B 121 0.22 -1.68 -8.80
C GLU B 121 -0.54 -0.37 -8.91
N ILE B 122 -1.15 -0.12 -10.06
CA ILE B 122 -1.98 1.07 -10.19
C ILE B 122 -3.14 0.96 -9.19
N ILE B 123 -3.75 -0.23 -9.10
CA ILE B 123 -4.80 -0.42 -8.11
C ILE B 123 -4.30 -0.15 -6.67
N GLU B 124 -3.12 -0.68 -6.33
CA GLU B 124 -2.55 -0.49 -5.00
C GLU B 124 -2.35 0.99 -4.69
N GLY B 125 -1.84 1.73 -5.67
CA GLY B 125 -1.56 3.14 -5.49
C GLY B 125 -2.84 3.94 -5.32
N MET B 126 -3.85 3.63 -6.14
CA MET B 126 -5.11 4.37 -6.03
C MET B 126 -5.84 4.03 -4.74
N ALA B 127 -5.81 2.77 -4.34
CA ALA B 127 -6.33 2.39 -3.04
C ALA B 127 -5.62 3.15 -1.92
N TYR B 128 -4.30 3.32 -2.04
CA TYR B 128 -3.60 4.11 -1.02
C TYR B 128 -4.11 5.56 -0.97
N LEU B 129 -4.12 6.21 -2.12
CA LEU B 129 -4.58 7.61 -2.19
C LEU B 129 -6.01 7.78 -1.66
N HIS B 130 -6.93 6.95 -2.13
CA HIS B 130 -8.31 7.05 -1.65
C HIS B 130 -8.40 6.74 -0.15
N GLY B 131 -7.54 5.84 0.30
CA GLY B 131 -7.50 5.52 1.71
C GLY B 131 -7.00 6.70 2.55
N LYS B 132 -6.25 7.61 1.92
CA LYS B 132 -5.87 8.87 2.61
C LYS B 132 -6.83 10.02 2.33
N GLY B 133 -7.97 9.71 1.71
CA GLY B 133 -8.96 10.71 1.36
C GLY B 133 -8.51 11.65 0.26
N VAL B 134 -7.58 11.20 -0.57
CA VAL B 134 -7.13 12.01 -1.69
C VAL B 134 -7.84 11.53 -2.95
N ILE B 135 -8.50 12.45 -3.66
CA ILE B 135 -9.00 12.16 -5.00
C ILE B 135 -7.98 12.67 -6.01
N HIS B 136 -7.56 11.80 -6.93
CA HIS B 136 -6.51 12.19 -7.85
C HIS B 136 -6.99 13.28 -8.80
N LYS B 137 -8.12 13.01 -9.45
CA LYS B 137 -8.83 13.94 -10.38
C LYS B 137 -8.30 13.91 -11.82
N ASP B 138 -7.10 13.40 -12.02
CA ASP B 138 -6.53 13.36 -13.37
C ASP B 138 -5.67 12.13 -13.61
N LEU B 139 -6.22 10.97 -13.28
CA LEU B 139 -5.53 9.71 -13.52
C LEU B 139 -5.55 9.47 -15.02
N LYS B 140 -4.40 9.10 -15.57
CA LYS B 140 -4.22 8.90 -17.02
C LYS B 140 -2.81 8.38 -17.20
N PRO B 141 -2.49 7.80 -18.38
CA PRO B 141 -1.17 7.19 -18.57
C PRO B 141 0.01 8.15 -18.37
N GLU B 142 -0.15 9.45 -18.66
CA GLU B 142 0.93 10.41 -18.43
C GLU B 142 1.28 10.63 -16.94
N ASN B 143 0.36 10.23 -16.06
CA ASN B 143 0.55 10.30 -14.60
C ASN B 143 0.88 8.94 -13.98
N ILE B 144 1.19 7.97 -14.82
CA ILE B 144 1.64 6.67 -14.31
C ILE B 144 3.06 6.48 -14.83
N LEU B 145 4.03 6.55 -13.92
CA LEU B 145 5.45 6.54 -14.29
C LEU B 145 6.06 5.16 -14.04
N VAL B 146 7.08 4.81 -14.80
CA VAL B 146 7.59 3.44 -14.80
C VAL B 146 9.10 3.43 -14.57
N ASP B 147 9.57 2.57 -13.66
CA ASP B 147 11.01 2.47 -13.41
C ASP B 147 11.65 1.42 -14.31
N ASN B 148 12.96 1.21 -14.16
CA ASN B 148 13.65 0.24 -15.00
C ASN B 148 13.17 -1.19 -14.78
N ASP B 149 12.67 -1.48 -13.57
CA ASP B 149 12.16 -2.80 -13.24
C ASP B 149 10.71 -2.97 -13.69
N PHE B 150 10.20 -1.97 -14.41
CA PHE B 150 8.80 -1.89 -14.85
C PHE B 150 7.79 -1.81 -13.71
N HIS B 151 8.24 -1.42 -12.51
CA HIS B 151 7.29 -1.14 -11.45
C HIS B 151 6.77 0.28 -11.68
N ILE B 152 5.56 0.60 -11.18
CA ILE B 152 4.99 1.91 -11.49
C ILE B 152 4.76 2.78 -10.26
N LYS B 153 4.65 4.08 -10.51
CA LYS B 153 4.31 5.02 -9.42
C LYS B 153 3.37 6.06 -10.00
N ILE B 154 2.28 6.32 -9.29
CA ILE B 154 1.33 7.33 -9.73
C ILE B 154 1.85 8.71 -9.33
N ALA B 155 1.67 9.69 -10.21
CA ALA B 155 2.11 11.06 -9.94
C ALA B 155 0.97 12.04 -10.19
N ASP B 156 1.14 13.25 -9.66
CA ASP B 156 0.23 14.35 -9.97
C ASP B 156 1.02 15.41 -10.76
N LEU B 157 1.42 15.07 -11.98
CA LEU B 157 2.32 15.94 -12.73
C LEU B 157 1.67 17.24 -13.13
N GLY B 158 0.34 17.29 -13.13
CA GLY B 158 -0.37 18.49 -13.50
C GLY B 158 -0.60 19.39 -12.30
N LEU B 159 -0.09 18.95 -11.16
CA LEU B 159 -0.27 19.62 -9.87
C LEU B 159 -1.73 19.91 -9.57
N ALA B 160 -2.61 18.99 -9.97
CA ALA B 160 -4.04 19.14 -9.66
C ALA B 160 -4.34 19.14 -8.16
N SER B 161 -3.46 18.53 -7.36
CA SER B 161 -3.62 18.53 -5.91
C SER B 161 -2.75 19.55 -5.17
N PHE B 162 -1.81 20.20 -5.87
CA PHE B 162 -0.96 21.20 -5.24
C PHE B 162 -1.54 22.59 -5.53
N LYS B 163 -2.63 22.92 -4.84
CA LYS B 163 -3.39 24.14 -5.15
C LYS B 163 -2.53 25.41 -5.04
N MET B 164 -1.75 25.51 -3.98
CA MET B 164 -0.91 26.70 -3.78
C MET B 164 0.23 26.81 -4.80
N TRP B 165 0.85 25.68 -5.17
CA TRP B 165 1.91 25.74 -6.17
C TRP B 165 1.35 26.10 -7.56
N SER B 166 0.16 25.59 -7.88
CA SER B 166 -0.51 25.95 -9.14
C SER B 166 -0.85 27.44 -9.15
N LYS B 167 -1.39 27.90 -8.03
CA LYS B 167 -1.77 29.30 -7.87
C LYS B 167 -0.54 30.15 -8.10
N LEU B 168 0.57 29.75 -7.48
CA LEU B 168 1.83 30.45 -7.67
C LEU B 168 2.22 30.49 -9.14
N ASN B 169 2.02 29.38 -9.85
CA ASN B 169 2.28 29.42 -11.29
C ASN B 169 1.41 30.48 -11.96
N ASN B 170 0.22 30.67 -11.42
CA ASN B 170 -0.74 31.59 -12.03
C ASN B 170 -0.43 33.09 -11.85
N GLU B 171 0.33 33.46 -10.82
CA GLU B 171 0.58 34.87 -10.50
C GLU B 171 0.99 35.70 -11.72
N GLU B 172 0.49 36.93 -11.79
CA GLU B 172 0.66 37.78 -12.97
C GLU B 172 2.12 38.02 -13.37
N HIS B 173 2.97 38.27 -12.39
CA HIS B 173 4.38 38.59 -12.64
C HIS B 173 5.24 37.36 -12.99
N ASN B 174 4.62 36.18 -13.00
CA ASN B 174 5.36 34.96 -13.32
C ASN B 174 5.64 34.78 -14.81
N GLU B 175 6.92 34.69 -15.16
CA GLU B 175 7.32 34.50 -16.55
C GLU B 175 6.87 33.14 -17.09
N LEU B 176 6.74 32.18 -16.20
CA LEU B 176 6.49 30.83 -16.63
C LEU B 176 4.99 30.60 -16.76
N THR B 189 -6.55 15.59 -21.56
CA THR B 189 -7.16 14.90 -20.42
C THR B 189 -8.57 14.38 -20.76
N LEU B 190 -9.10 14.78 -21.91
CA LEU B 190 -10.47 14.41 -22.25
C LEU B 190 -10.77 12.90 -22.24
N TYR B 191 -9.81 12.09 -22.69
CA TYR B 191 -10.08 10.67 -22.95
C TYR B 191 -10.31 9.87 -21.67
N TYR B 192 -9.81 10.37 -20.53
CA TYR B 192 -9.87 9.61 -19.28
C TYR B 192 -10.79 10.26 -18.26
N MET B 193 -11.48 11.31 -18.69
CA MET B 193 -12.39 12.05 -17.81
C MET B 193 -13.79 11.41 -17.78
N ALA B 194 -14.32 11.20 -16.58
CA ALA B 194 -15.64 10.60 -16.44
C ALA B 194 -16.66 11.53 -17.10
N PRO B 195 -17.68 10.93 -17.72
CA PRO B 195 -18.61 11.71 -18.54
C PRO B 195 -19.38 12.75 -17.73
N GLU B 196 -19.57 12.51 -16.43
CA GLU B 196 -20.26 13.48 -15.59
C GLU B 196 -19.49 14.81 -15.49
N HIS B 197 -18.20 14.77 -15.85
CA HIS B 197 -17.38 15.98 -15.80
C HIS B 197 -17.24 16.63 -17.17
N LEU B 198 -17.59 15.90 -18.22
CA LEU B 198 -17.48 16.45 -19.58
C LEU B 198 -18.54 17.54 -19.78
N ASN B 199 -18.15 18.61 -20.45
CA ASN B 199 -19.03 19.78 -20.61
C ASN B 199 -19.64 20.28 -19.29
N ASP B 200 -18.95 20.04 -18.18
CA ASP B 200 -19.38 20.58 -16.89
C ASP B 200 -18.24 21.43 -16.36
N VAL B 201 -18.22 22.69 -16.77
CA VAL B 201 -17.14 23.64 -16.46
C VAL B 201 -16.75 23.67 -14.99
N ASN B 202 -17.63 23.16 -14.13
CA ASN B 202 -17.46 23.24 -12.70
C ASN B 202 -17.55 21.83 -12.09
N ALA B 203 -16.88 20.88 -12.73
CA ALA B 203 -16.97 19.46 -12.36
C ALA B 203 -16.51 19.20 -10.93
N LYS B 204 -17.26 18.37 -10.21
CA LYS B 204 -16.93 18.03 -8.82
C LYS B 204 -16.48 16.57 -8.67
N PRO B 205 -15.17 16.32 -8.81
CA PRO B 205 -14.67 14.95 -8.86
C PRO B 205 -14.89 14.18 -7.56
N THR B 206 -15.11 12.88 -7.67
CA THR B 206 -15.22 11.99 -6.52
C THR B 206 -14.28 10.82 -6.77
N GLU B 207 -14.19 9.92 -5.79
CA GLU B 207 -13.44 8.68 -5.98
C GLU B 207 -13.90 7.93 -7.26
N LYS B 208 -15.18 8.03 -7.57
CA LYS B 208 -15.75 7.34 -8.72
C LYS B 208 -15.25 7.91 -10.07
N SER B 209 -14.89 9.21 -10.07
CA SER B 209 -14.24 9.82 -11.23
C SER B 209 -12.90 9.12 -11.54
N ASP B 210 -12.15 8.84 -10.48
CA ASP B 210 -10.85 8.17 -10.64
C ASP B 210 -11.06 6.75 -11.10
N VAL B 211 -12.10 6.10 -10.58
CA VAL B 211 -12.40 4.74 -11.06
C VAL B 211 -12.69 4.72 -12.57
N TYR B 212 -13.47 5.69 -13.05
CA TYR B 212 -13.67 5.80 -14.51
C TYR B 212 -12.33 5.95 -15.29
N SER B 213 -11.51 6.88 -14.80
CA SER B 213 -10.22 7.09 -15.49
C SER B 213 -9.45 5.77 -15.58
N PHE B 214 -9.45 5.04 -14.46
CA PHE B 214 -8.78 3.74 -14.38
C PHE B 214 -9.31 2.78 -15.43
N ALA B 215 -10.63 2.78 -15.64
CA ALA B 215 -11.20 1.93 -16.71
C ALA B 215 -10.55 2.20 -18.08
N VAL B 216 -10.46 3.50 -18.39
CA VAL B 216 -9.86 3.80 -19.71
C VAL B 216 -8.37 3.46 -19.78
N VAL B 217 -7.66 3.66 -18.66
CA VAL B 217 -6.27 3.21 -18.58
C VAL B 217 -6.12 1.69 -18.83
N LEU B 218 -7.00 0.88 -18.27
CA LEU B 218 -7.01 -0.56 -18.58
C LEU B 218 -7.09 -0.81 -20.08
N TRP B 219 -8.06 -0.10 -20.68
CA TRP B 219 -8.20 -0.22 -22.13
C TRP B 219 -6.88 0.11 -22.84
N ALA B 220 -6.26 1.24 -22.49
CA ALA B 220 -5.04 1.66 -23.17
C ALA B 220 -3.89 0.69 -22.96
N ILE B 221 -3.84 0.06 -21.79
CA ILE B 221 -2.81 -0.91 -21.49
C ILE B 221 -2.93 -2.07 -22.45
N PHE B 222 -4.15 -2.49 -22.78
CA PHE B 222 -4.21 -3.55 -23.80
C PHE B 222 -4.19 -3.12 -25.27
N ALA B 223 -4.61 -1.90 -25.55
CA ALA B 223 -4.61 -1.43 -26.94
C ALA B 223 -3.25 -0.92 -27.39
N ASN B 224 -2.39 -0.59 -26.42
CA ASN B 224 -1.11 0.06 -26.68
C ASN B 224 -1.23 1.40 -27.41
N LYS B 225 -2.35 2.09 -27.22
CA LYS B 225 -2.55 3.41 -27.82
C LYS B 225 -3.67 4.18 -27.11
N GLU B 226 -3.88 5.43 -27.51
CA GLU B 226 -5.02 6.21 -27.02
C GLU B 226 -6.33 5.74 -27.64
N PRO B 227 -7.45 5.83 -26.89
CA PRO B 227 -8.76 5.47 -27.44
C PRO B 227 -9.25 6.54 -28.40
N TYR B 228 -10.36 6.25 -29.09
CA TYR B 228 -11.11 7.25 -29.85
C TYR B 228 -10.38 7.84 -31.06
N GLU B 229 -9.49 7.06 -31.68
CA GLU B 229 -8.73 7.54 -32.85
C GLU B 229 -9.59 8.02 -34.01
N ASN B 230 -10.83 7.54 -34.10
CA ASN B 230 -11.69 7.95 -35.22
C ASN B 230 -12.50 9.22 -34.96
N ALA B 231 -12.41 9.75 -33.75
CA ALA B 231 -13.14 10.98 -33.43
C ALA B 231 -12.64 12.14 -34.30
N ILE B 232 -13.57 12.98 -34.74
CA ILE B 232 -13.25 14.08 -35.66
C ILE B 232 -13.31 15.45 -34.99
N ALA B 233 -14.31 15.64 -34.13
CA ALA B 233 -14.50 16.93 -33.45
C ALA B 233 -14.61 16.73 -31.96
N GLU B 234 -14.12 17.71 -31.20
CA GLU B 234 -14.17 17.62 -29.74
C GLU B 234 -15.59 17.49 -29.21
N GLN B 235 -16.53 18.29 -29.72
CA GLN B 235 -17.91 18.18 -29.24
CA GLN B 235 -17.91 18.18 -29.24
C GLN B 235 -18.56 16.86 -29.66
N GLN B 236 -18.14 16.33 -30.81
CA GLN B 236 -18.64 15.02 -31.24
C GLN B 236 -18.24 14.01 -30.16
N LEU B 237 -16.96 14.04 -29.79
CA LEU B 237 -16.41 13.10 -28.79
C LEU B 237 -17.07 13.25 -27.42
N ILE B 238 -17.19 14.49 -26.94
CA ILE B 238 -17.78 14.74 -25.65
C ILE B 238 -19.21 14.26 -25.63
N MET B 239 -19.99 14.67 -26.63
CA MET B 239 -21.39 14.27 -26.65
C MET B 239 -21.54 12.75 -26.74
N ALA B 240 -20.62 12.14 -27.49
CA ALA B 240 -20.66 10.69 -27.69
C ALA B 240 -20.40 9.96 -26.37
N ILE B 241 -19.39 10.41 -25.65
CA ILE B 241 -19.06 9.74 -24.37
C ILE B 241 -20.18 9.97 -23.35
N LYS B 242 -20.70 11.19 -23.30
CA LYS B 242 -21.81 11.49 -22.40
C LYS B 242 -23.05 10.65 -22.73
N SER B 243 -23.20 10.30 -24.01
CA SER B 243 -24.32 9.45 -24.43
C SER B 243 -24.07 7.96 -24.18
N GLY B 244 -22.82 7.58 -23.83
CA GLY B 244 -22.53 6.20 -23.51
C GLY B 244 -21.43 5.54 -24.33
N ASN B 245 -20.89 6.26 -25.32
CA ASN B 245 -19.81 5.76 -26.13
C ASN B 245 -18.60 5.52 -25.23
N ARG B 246 -17.85 4.45 -25.52
CA ARG B 246 -16.69 4.07 -24.71
C ARG B 246 -15.58 3.60 -25.64
N PRO B 247 -14.35 3.42 -25.14
CA PRO B 247 -13.33 2.93 -26.07
C PRO B 247 -13.71 1.61 -26.75
N ASP B 248 -13.25 1.40 -27.97
CA ASP B 248 -13.65 0.25 -28.77
C ASP B 248 -12.95 -1.04 -28.32
N VAL B 249 -13.68 -1.89 -27.60
CA VAL B 249 -13.12 -3.15 -27.09
C VAL B 249 -12.68 -4.09 -28.21
N ASP B 250 -13.40 -4.07 -29.33
CA ASP B 250 -13.05 -4.91 -30.47
C ASP B 250 -11.73 -4.45 -31.09
N ASP B 251 -11.34 -3.22 -30.78
CA ASP B 251 -10.13 -2.64 -31.34
C ASP B 251 -8.86 -3.06 -30.61
N ILE B 252 -9.01 -3.88 -29.57
CA ILE B 252 -7.82 -4.48 -28.94
C ILE B 252 -7.37 -5.67 -29.80
N THR B 253 -6.12 -5.62 -30.26
CA THR B 253 -5.52 -6.68 -31.09
C THR B 253 -5.05 -7.84 -30.23
N GLU B 254 -4.30 -7.48 -29.18
CA GLU B 254 -3.76 -8.44 -28.24
C GLU B 254 -4.84 -9.24 -27.56
N TYR B 255 -4.45 -10.41 -27.09
CA TYR B 255 -5.27 -11.15 -26.18
C TYR B 255 -5.47 -10.27 -24.94
N CYS B 256 -6.72 -10.09 -24.56
CA CYS B 256 -7.04 -9.46 -23.27
C CYS B 256 -8.00 -10.37 -22.53
N PRO B 257 -7.62 -10.81 -21.33
CA PRO B 257 -8.46 -11.70 -20.54
C PRO B 257 -9.89 -11.16 -20.47
N ARG B 258 -10.88 -12.03 -20.61
CA ARG B 258 -12.25 -11.55 -20.53
C ARG B 258 -12.55 -10.89 -19.19
N GLU B 259 -11.88 -11.33 -18.12
CA GLU B 259 -12.03 -10.73 -16.80
C GLU B 259 -11.69 -9.26 -16.82
N ILE B 260 -10.66 -8.91 -17.59
CA ILE B 260 -10.21 -7.54 -17.66
C ILE B 260 -11.15 -6.70 -18.55
N ILE B 261 -11.66 -7.28 -19.63
CA ILE B 261 -12.74 -6.62 -20.39
C ILE B 261 -13.96 -6.31 -19.49
N SER B 262 -14.39 -7.30 -18.71
CA SER B 262 -15.49 -7.12 -17.79
C SER B 262 -15.17 -6.02 -16.80
N LEU B 263 -13.93 -6.04 -16.30
CA LEU B 263 -13.55 -5.04 -15.30
C LEU B 263 -13.61 -3.63 -15.87
N MET B 264 -13.07 -3.43 -17.07
CA MET B 264 -13.11 -2.08 -17.60
C MET B 264 -14.56 -1.66 -17.82
N LYS B 265 -15.41 -2.57 -18.29
CA LYS B 265 -16.83 -2.20 -18.42
C LYS B 265 -17.48 -1.83 -17.09
N LEU B 266 -17.16 -2.56 -16.02
CA LEU B 266 -17.66 -2.20 -14.69
C LEU B 266 -17.21 -0.81 -14.28
N CYS B 267 -15.95 -0.51 -14.57
CA CYS B 267 -15.36 0.71 -14.07
C CYS B 267 -15.75 1.92 -14.90
N TRP B 268 -16.18 1.73 -16.15
CA TRP B 268 -16.61 2.88 -16.95
C TRP B 268 -18.13 3.04 -17.09
N GLU B 269 -18.86 2.38 -16.20
CA GLU B 269 -20.32 2.46 -16.14
C GLU B 269 -20.76 3.92 -16.00
N ALA B 270 -21.81 4.31 -16.72
CA ALA B 270 -22.30 5.69 -16.65
C ALA B 270 -22.64 6.16 -15.23
N ASN B 271 -23.44 5.40 -14.50
CA ASN B 271 -23.76 5.69 -13.11
C ASN B 271 -22.52 5.60 -12.24
N PRO B 272 -22.03 6.74 -11.73
CA PRO B 272 -20.77 6.68 -10.98
C PRO B 272 -20.89 5.78 -9.74
N GLU B 273 -22.05 5.79 -9.11
CA GLU B 273 -22.22 4.98 -7.89
C GLU B 273 -22.29 3.48 -8.15
N ALA B 274 -22.41 3.09 -9.41
CA ALA B 274 -22.37 1.66 -9.77
C ALA B 274 -20.94 1.18 -10.02
N ARG B 275 -19.99 2.12 -10.14
CA ARG B 275 -18.59 1.72 -10.33
C ARG B 275 -18.03 1.20 -9.02
N PRO B 276 -17.15 0.18 -9.10
CA PRO B 276 -16.61 -0.38 -7.85
C PRO B 276 -15.63 0.57 -7.16
N THR B 277 -15.29 0.29 -5.90
CA THR B 277 -14.24 1.04 -5.23
C THR B 277 -12.89 0.38 -5.53
N PHE B 278 -11.81 1.12 -5.31
CA PHE B 278 -10.50 0.52 -5.55
C PHE B 278 -10.20 -0.66 -4.62
N PRO B 279 -10.59 -0.59 -3.33
CA PRO B 279 -10.45 -1.83 -2.54
C PRO B 279 -11.24 -3.01 -3.13
N GLY B 280 -12.46 -2.77 -3.60
CA GLY B 280 -13.24 -3.84 -4.21
C GLY B 280 -12.56 -4.44 -5.45
N ILE B 281 -12.06 -3.53 -6.28
CA ILE B 281 -11.34 -3.91 -7.47
C ILE B 281 -10.13 -4.75 -7.07
N GLU B 282 -9.40 -4.31 -6.06
CA GLU B 282 -8.19 -4.99 -5.62
C GLU B 282 -8.52 -6.40 -5.14
N GLU B 283 -9.62 -6.54 -4.42
CA GLU B 283 -9.97 -7.82 -3.84
C GLU B 283 -10.35 -8.81 -4.91
N LYS B 284 -10.93 -8.31 -6.00
CA LYS B 284 -11.14 -9.20 -7.14
C LYS B 284 -9.90 -9.48 -8.02
N PHE B 285 -9.12 -8.44 -8.32
CA PHE B 285 -8.06 -8.55 -9.30
C PHE B 285 -6.84 -9.25 -8.75
N ARG B 286 -6.55 -9.05 -7.48
CA ARG B 286 -5.30 -9.63 -6.94
C ARG B 286 -5.25 -11.15 -7.12
N PRO B 287 -6.27 -11.87 -6.63
CA PRO B 287 -6.17 -13.33 -6.82
C PRO B 287 -6.25 -13.76 -8.27
N PHE B 288 -6.95 -13.00 -9.11
CA PHE B 288 -6.97 -13.32 -10.53
C PHE B 288 -5.59 -13.14 -11.13
N TYR B 289 -4.92 -12.04 -10.78
CA TYR B 289 -3.58 -11.79 -11.29
C TYR B 289 -2.67 -12.93 -10.87
N LEU B 290 -2.78 -13.31 -9.61
CA LEU B 290 -1.90 -14.33 -9.05
C LEU B 290 -2.10 -15.68 -9.75
N SER B 291 -3.35 -16.05 -9.98
CA SER B 291 -3.63 -17.40 -10.50
C SER B 291 -3.47 -17.54 -12.01
N GLN B 292 -3.62 -16.43 -12.75
CA GLN B 292 -3.68 -16.47 -14.21
CA GLN B 292 -3.64 -16.51 -14.21
C GLN B 292 -2.56 -15.75 -14.94
N LEU B 293 -2.14 -14.61 -14.40
CA LEU B 293 -1.26 -13.70 -15.14
C LEU B 293 0.19 -13.73 -14.72
N GLU B 294 0.45 -13.79 -13.42
CA GLU B 294 1.80 -13.67 -12.88
C GLU B 294 2.79 -14.68 -13.44
C4 1HX C . -6.33 -6.79 12.67
C6 1HX C . -4.54 -6.01 14.13
C1 1HX C . -5.45 -5.31 14.90
C3 1HX C . -7.24 -6.09 13.45
C2 1HX C . -6.79 -5.36 14.54
C5 1HX C . -5.00 -6.72 13.02
C7 1HX C . -6.81 -7.56 11.48
C9 1HX C . -7.78 -9.57 12.38
CL2 1HX C . -3.77 -7.60 12.07
F20 1HX C . -8.55 -6.12 13.15
C10 1HX C . -7.22 -6.56 10.40
N8 1HX C . -7.95 -8.38 11.84
O11 1HX C . -6.69 -9.92 12.82
C12 1HX C . -8.91 -10.55 12.45
C16 1HX C . -10.02 -10.58 11.59
C15 1HX C . -10.84 -11.63 11.95
C14 1HX C . -10.17 -12.16 13.04
C18 1HX C . -10.58 -13.23 13.74
N19 1HX C . -10.92 -14.19 14.30
N13 1HX C . -9.03 -11.56 13.35
C17 1HX C . -8.13 -11.93 14.48
I IOD D . 8.67 2.74 -0.55
I IOD E . 17.63 -2.80 4.50
I IOD F . -5.74 -19.57 11.97
I IOD G . 19.29 -15.92 30.70
I IOD H . 1.80 -9.71 -4.95
C4 1HX I . 0.68 12.79 -5.18
C6 1HX I . -1.59 12.71 -6.04
C1 1HX I . -1.93 13.84 -5.31
C3 1HX I . 0.33 13.91 -4.47
C2 1HX I . -0.95 14.43 -4.51
C5 1HX I . -0.30 12.19 -5.97
C7 1HX I . 2.06 12.24 -5.10
C9 1HX I . 3.45 13.77 -6.38
CL2 1HX I . 0.12 10.73 -6.92
F20 1HX I . 1.28 14.46 -3.70
C10 1HX I . 2.27 11.52 -3.76
N8 1HX I . 3.06 13.31 -5.18
O11 1HX I . 2.83 13.45 -7.40
C12 1HX I . 4.64 14.67 -6.54
C16 1HX I . 5.80 14.74 -5.73
C15 1HX I . 6.66 15.69 -6.26
C14 1HX I . 5.99 16.13 -7.35
C18 1HX I . 6.44 17.06 -8.21
N19 1HX I . 6.85 17.79 -9.03
N13 1HX I . 4.79 15.55 -7.55
C17 1HX I . 3.89 15.87 -8.69
I IOD J . -6.59 -7.96 -1.52
I IOD K . -10.89 -9.16 -12.03
I IOD L . 8.66 12.84 -15.27
I IOD M . 11.28 29.60 3.40
#